data_9G9U
#
_entry.id   9G9U
#
_cell.length_a   100.586
_cell.length_b   58.301
_cell.length_c   99.115
_cell.angle_alpha   90.000
_cell.angle_beta   99.728
_cell.angle_gamma   90.000
#
_symmetry.space_group_name_H-M   'C 1 2 1'
#
loop_
_entity.id
_entity.type
_entity.pdbx_description
1 polymer 'GTP cyclohydrolase 1 type 2 homolog'
2 non-polymer 1,2-ETHANEDIOL
3 non-polymer 'ZINC ION'
4 water water
#
_entity_poly.entity_id   1
_entity_poly.type   'polypeptide(L)'
_entity_poly.pdbx_seq_one_letter_code
;MATTVQDVIERLTASVGKIPNTMDTLQHGDPNMEVKGIATSFMPTYRVIQQAVSMEANLLITHEGLFYSHTDNTEMMQKD
SVYQEKIRLIRESGIAIYRFHDYWHRHQPDGIMVGFIRALEWESYVSKYLPTAAIVAIPLMTAKEVAEYAKEMLSIPFVR
IAGDLSAPCTRIGILVGYRGGGALSIPLFEQEHLDAIIYGEGPEWETPEYIRDAVYQGRQKALIVLGHAESEEPGMKYLA
EWLGEQFPDIPVHFLRERPIFQVIHHHHHH
;
_entity_poly.pdbx_strand_id   A,B
#
# COMPACT_ATOMS: atom_id res chain seq x y z
N ALA A 2 42.47 9.67 -5.30
CA ALA A 2 42.39 8.22 -5.24
C ALA A 2 41.30 7.76 -4.29
N THR A 3 40.10 8.33 -4.46
CA THR A 3 39.00 8.05 -3.56
C THR A 3 38.46 6.63 -3.79
N THR A 4 38.32 5.85 -2.72
CA THR A 4 37.80 4.49 -2.82
C THR A 4 36.32 4.44 -2.45
N VAL A 5 35.71 3.28 -2.72
CA VAL A 5 34.32 3.06 -2.31
C VAL A 5 34.15 3.35 -0.83
N GLN A 6 35.07 2.86 0.00
CA GLN A 6 34.89 3.06 1.43
C GLN A 6 35.08 4.52 1.83
N ASP A 7 35.92 5.28 1.12
CA ASP A 7 36.03 6.72 1.38
C ASP A 7 34.67 7.40 1.21
N VAL A 8 33.94 7.05 0.16
CA VAL A 8 32.63 7.64 -0.06
C VAL A 8 31.69 7.24 1.05
N ILE A 9 31.70 5.96 1.43
CA ILE A 9 30.83 5.52 2.50
C ILE A 9 31.15 6.28 3.78
N GLU A 10 32.44 6.56 4.04
CA GLU A 10 32.80 7.26 5.27
C GLU A 10 32.26 8.68 5.26
N ARG A 11 32.34 9.37 4.13
CA ARG A 11 31.78 10.72 4.04
C ARG A 11 30.27 10.70 4.23
N LEU A 12 29.58 9.75 3.60
CA LEU A 12 28.15 9.60 3.79
C LEU A 12 27.83 9.25 5.24
N THR A 13 28.57 8.31 5.84
CA THR A 13 28.21 7.89 7.19
C THR A 13 28.55 8.96 8.22
N ALA A 14 29.45 9.92 7.89
CA ALA A 14 29.76 10.99 8.82
C ALA A 14 28.90 12.24 8.63
N SER A 15 28.14 12.34 7.54
CA SER A 15 27.17 13.43 7.38
C SER A 15 26.08 13.36 8.45
N VAL A 16 25.89 12.19 9.05
CA VAL A 16 24.90 11.99 10.10
C VAL A 16 25.59 11.71 11.43
N ASP A 24 22.02 0.10 6.39
CA ASP A 24 22.97 0.78 5.52
C ASP A 24 24.26 -0.04 5.41
N THR A 25 24.46 -0.70 4.27
CA THR A 25 25.64 -1.53 4.10
C THR A 25 25.95 -1.67 2.62
N LEU A 26 27.19 -2.08 2.37
CA LEU A 26 27.67 -2.43 1.03
C LEU A 26 27.05 -3.76 0.65
N GLN A 27 26.06 -3.72 -0.23
CA GLN A 27 25.37 -4.94 -0.63
C GLN A 27 26.24 -5.81 -1.53
N HIS A 28 27.23 -5.19 -2.19
CA HIS A 28 28.07 -5.90 -3.14
C HIS A 28 29.22 -4.98 -3.52
N GLY A 29 30.38 -5.60 -3.76
CA GLY A 29 31.48 -4.93 -4.43
C GLY A 29 32.70 -4.80 -3.54
N ASP A 30 33.78 -4.34 -4.18
CA ASP A 30 35.10 -4.21 -3.55
C ASP A 30 35.20 -2.87 -2.85
N PRO A 31 35.20 -2.83 -1.52
CA PRO A 31 35.27 -1.52 -0.83
C PRO A 31 36.55 -0.76 -1.11
N ASN A 32 37.62 -1.43 -1.57
CA ASN A 32 38.88 -0.75 -1.81
C ASN A 32 39.05 -0.35 -3.26
N MET A 33 38.03 -0.59 -4.08
CA MET A 33 38.04 -0.15 -5.46
C MET A 33 38.09 1.36 -5.52
N GLU A 34 38.88 1.87 -6.46
CA GLU A 34 38.87 3.29 -6.74
C GLU A 34 37.61 3.67 -7.52
N VAL A 35 36.97 4.73 -7.08
CA VAL A 35 35.70 5.19 -7.65
C VAL A 35 35.99 6.08 -8.86
N LYS A 36 35.41 5.73 -10.02
CA LYS A 36 35.54 6.51 -11.24
C LYS A 36 34.28 7.29 -11.56
N GLY A 37 33.16 6.89 -10.99
CA GLY A 37 31.93 7.65 -11.11
C GLY A 37 30.91 7.05 -10.17
N ILE A 38 29.93 7.87 -9.80
CA ILE A 38 28.90 7.51 -8.85
C ILE A 38 27.52 7.74 -9.49
N ALA A 39 26.62 6.77 -9.32
CA ALA A 39 25.21 6.97 -9.60
C ALA A 39 24.41 6.86 -8.31
N THR A 40 23.35 7.65 -8.18
CA THR A 40 22.39 7.45 -7.11
C THR A 40 21.06 7.09 -7.72
N SER A 41 20.24 6.38 -6.94
CA SER A 41 18.93 5.97 -7.42
C SER A 41 18.08 5.59 -6.21
N PHE A 42 16.77 5.59 -6.39
CA PHE A 42 15.93 5.06 -5.31
C PHE A 42 16.09 3.55 -5.19
N MET A 43 16.03 2.83 -6.32
CA MET A 43 15.98 1.39 -6.37
C MET A 43 17.09 0.87 -7.27
N PRO A 44 17.85 -0.10 -6.82
CA PRO A 44 18.92 -0.62 -7.71
C PRO A 44 18.37 -1.64 -8.71
N THR A 45 17.51 -1.19 -9.61
CA THR A 45 16.89 -2.13 -10.52
C THR A 45 17.94 -2.69 -11.49
N TYR A 46 17.56 -3.77 -12.17
CA TYR A 46 18.42 -4.36 -13.20
C TYR A 46 18.83 -3.32 -14.23
N ARG A 47 17.89 -2.47 -14.64
CA ARG A 47 18.19 -1.46 -15.65
C ARG A 47 19.07 -0.33 -15.09
N VAL A 48 18.84 0.07 -13.82
CA VAL A 48 19.72 1.09 -13.23
C VAL A 48 21.15 0.58 -13.15
N ILE A 49 21.33 -0.72 -12.86
CA ILE A 49 22.68 -1.27 -12.82
C ILE A 49 23.32 -1.26 -14.22
N GLN A 50 22.54 -1.63 -15.25
CA GLN A 50 23.01 -1.50 -16.63
C GLN A 50 23.35 -0.05 -16.99
N GLN A 51 22.54 0.92 -16.54
CA GLN A 51 22.82 2.33 -16.80
C GLN A 51 24.10 2.79 -16.11
N ALA A 52 24.34 2.32 -14.88
CA ALA A 52 25.57 2.68 -14.19
C ALA A 52 26.79 2.20 -14.98
N VAL A 53 26.71 1.00 -15.54
CA VAL A 53 27.80 0.49 -16.36
C VAL A 53 28.02 1.38 -17.57
N SER A 54 26.93 1.73 -18.26
CA SER A 54 27.05 2.55 -19.45
C SER A 54 27.67 3.92 -19.14
N MET A 55 27.35 4.48 -17.99
CA MET A 55 27.94 5.74 -17.55
C MET A 55 29.32 5.57 -16.97
N GLU A 56 29.81 4.34 -16.88
CA GLU A 56 31.09 4.04 -16.25
C GLU A 56 31.12 4.56 -14.81
N ALA A 57 29.99 4.44 -14.10
CA ALA A 57 29.92 4.63 -12.66
C ALA A 57 30.07 3.28 -11.99
N ASN A 58 31.12 3.10 -11.17
CA ASN A 58 31.34 1.81 -10.53
C ASN A 58 30.95 1.82 -9.07
N LEU A 59 30.29 2.88 -8.61
CA LEU A 59 29.64 2.90 -7.31
C LEU A 59 28.22 3.39 -7.49
N LEU A 60 27.26 2.55 -7.09
CA LEU A 60 25.85 2.90 -7.12
C LEU A 60 25.36 3.04 -5.68
N ILE A 61 24.87 4.22 -5.34
CA ILE A 61 24.28 4.48 -4.03
C ILE A 61 22.77 4.49 -4.18
N THR A 62 22.07 3.60 -3.46
CA THR A 62 20.64 3.47 -3.60
C THR A 62 20.00 3.49 -2.23
N HIS A 63 18.68 3.71 -2.22
CA HIS A 63 17.94 3.80 -0.96
C HIS A 63 17.44 2.44 -0.52
N GLU A 64 17.06 1.59 -1.46
CA GLU A 64 16.46 0.30 -1.17
C GLU A 64 17.46 -0.83 -1.43
N GLY A 65 17.06 -2.03 -1.03
CA GLY A 65 17.90 -3.20 -1.21
C GLY A 65 17.83 -3.78 -2.60
N LEU A 66 18.65 -4.81 -2.80
CA LEU A 66 18.84 -5.34 -4.15
C LEU A 66 17.75 -6.31 -4.56
N PHE A 67 17.13 -6.99 -3.59
CA PHE A 67 16.32 -8.15 -3.89
C PHE A 67 14.97 -8.09 -3.19
N TYR A 68 14.30 -6.94 -3.33
CA TYR A 68 12.85 -6.80 -3.18
C TYR A 68 12.40 -7.11 -1.75
N SER A 69 13.24 -6.74 -0.77
CA SER A 69 12.96 -6.94 0.65
C SER A 69 13.82 -5.96 1.44
N HIS A 70 13.31 -5.53 2.59
CA HIS A 70 14.12 -4.80 3.57
C HIS A 70 14.93 -5.74 4.45
N THR A 71 14.61 -7.03 4.46
CA THR A 71 15.32 -8.06 5.20
C THR A 71 16.19 -8.88 4.25
N ASP A 72 17.04 -9.74 4.82
CA ASP A 72 17.88 -10.61 4.00
C ASP A 72 17.07 -11.81 3.53
N ASN A 73 16.76 -11.84 2.24
CA ASN A 73 16.04 -12.95 1.64
C ASN A 73 16.90 -13.73 0.67
N THR A 74 18.23 -13.63 0.77
CA THR A 74 19.11 -14.23 -0.23
C THR A 74 18.88 -15.73 -0.34
N GLU A 75 18.65 -16.41 0.79
CA GLU A 75 18.48 -17.86 0.74
C GLU A 75 17.18 -18.23 0.05
N MET A 76 16.09 -17.50 0.35
CA MET A 76 14.82 -17.75 -0.31
C MET A 76 14.85 -17.40 -1.78
N MET A 77 15.84 -16.62 -2.24
CA MET A 77 15.93 -16.23 -3.62
C MET A 77 16.93 -17.05 -4.42
N GLN A 78 17.66 -17.97 -3.76
CA GLN A 78 18.76 -18.67 -4.41
C GLN A 78 18.33 -19.40 -5.67
N LYS A 79 17.15 -20.02 -5.65
CA LYS A 79 16.67 -20.76 -6.80
C LYS A 79 15.89 -19.89 -7.78
N ASP A 80 15.74 -18.60 -7.49
CA ASP A 80 14.89 -17.77 -8.30
C ASP A 80 15.68 -17.23 -9.50
N SER A 81 15.08 -17.31 -10.70
CA SER A 81 15.80 -16.97 -11.91
C SER A 81 16.01 -15.45 -12.05
N VAL A 82 15.08 -14.64 -11.54
CA VAL A 82 15.28 -13.19 -11.58
C VAL A 82 16.47 -12.80 -10.72
N TYR A 83 16.52 -13.32 -9.49
CA TYR A 83 17.69 -13.12 -8.63
C TYR A 83 18.98 -13.58 -9.30
N GLN A 84 18.97 -14.80 -9.83
CA GLN A 84 20.17 -15.35 -10.42
C GLN A 84 20.68 -14.48 -11.57
N GLU A 85 19.77 -13.99 -12.42
CA GLU A 85 20.21 -13.17 -13.54
C GLU A 85 20.68 -11.80 -13.05
N LYS A 86 20.08 -11.30 -11.99
CA LYS A 86 20.54 -10.02 -11.46
C LYS A 86 21.92 -10.16 -10.82
N ILE A 87 22.15 -11.22 -10.04
CA ILE A 87 23.46 -11.40 -9.43
C ILE A 87 24.51 -11.65 -10.52
N ARG A 88 24.12 -12.30 -11.62
CA ARG A 88 25.06 -12.51 -12.72
C ARG A 88 25.49 -11.19 -13.34
N LEU A 89 24.51 -10.30 -13.60
CA LEU A 89 24.82 -8.95 -14.09
C LEU A 89 25.71 -8.19 -13.11
N ILE A 90 25.40 -8.28 -11.82
CA ILE A 90 26.19 -7.53 -10.84
C ILE A 90 27.63 -8.01 -10.83
N ARG A 91 27.83 -9.34 -10.88
CA ARG A 91 29.17 -9.90 -10.90
C ARG A 91 29.91 -9.50 -12.16
N GLU A 92 29.20 -9.47 -13.29
CA GLU A 92 29.85 -9.10 -14.54
C GLU A 92 30.19 -7.62 -14.53
N SER A 93 29.34 -6.80 -13.92
CA SER A 93 29.50 -5.36 -14.01
C SER A 93 30.70 -4.86 -13.23
N GLY A 94 31.12 -5.58 -12.19
CA GLY A 94 32.16 -5.09 -11.32
C GLY A 94 31.78 -3.88 -10.50
N ILE A 95 30.50 -3.50 -10.49
CA ILE A 95 30.04 -2.32 -9.77
C ILE A 95 29.95 -2.64 -8.27
N ALA A 96 30.12 -1.61 -7.44
CA ALA A 96 29.80 -1.70 -6.02
C ALA A 96 28.46 -1.04 -5.78
N ILE A 97 27.68 -1.62 -4.86
CA ILE A 97 26.34 -1.12 -4.55
C ILE A 97 26.22 -0.94 -3.05
N TYR A 98 25.88 0.28 -2.64
CA TYR A 98 25.78 0.66 -1.24
C TYR A 98 24.37 1.16 -1.00
N ARG A 99 23.71 0.58 0.01
CA ARG A 99 22.39 1.03 0.44
C ARG A 99 22.54 2.09 1.53
N PHE A 100 22.07 3.32 1.23
CA PHE A 100 22.10 4.47 2.12
C PHE A 100 20.65 4.82 2.44
N HIS A 101 20.23 4.54 3.67
CA HIS A 101 18.82 4.47 4.03
C HIS A 101 18.57 5.16 5.37
N ASP A 102 19.01 4.54 6.48
CA ASP A 102 18.67 5.04 7.81
C ASP A 102 19.38 6.36 8.14
N TYR A 103 20.65 6.48 7.75
CA TYR A 103 21.42 7.65 8.14
C TYR A 103 20.81 8.93 7.59
N TRP A 104 20.54 8.94 6.30
CA TRP A 104 19.96 10.11 5.66
C TRP A 104 18.65 10.52 6.35
N HIS A 105 17.82 9.54 6.73
CA HIS A 105 16.58 9.85 7.44
C HIS A 105 16.84 10.41 8.83
N ARG A 106 17.88 9.91 9.52
CA ARG A 106 18.07 10.25 10.93
C ARG A 106 18.83 11.56 11.13
N HIS A 107 19.20 12.25 10.06
CA HIS A 107 19.84 13.55 10.21
C HIS A 107 18.87 14.57 10.77
N GLN A 108 19.43 15.64 11.36
CA GLN A 108 18.66 16.70 12.01
C GLN A 108 17.49 17.15 11.15
N PRO A 109 17.67 17.78 9.96
CA PRO A 109 16.57 17.69 8.99
C PRO A 109 16.81 16.48 8.10
N ASP A 110 15.83 15.59 8.07
CA ASP A 110 15.91 14.40 7.24
C ASP A 110 16.22 14.78 5.80
N GLY A 111 17.31 14.20 5.26
CA GLY A 111 17.74 14.56 3.91
C GLY A 111 16.78 14.15 2.82
N ILE A 112 16.09 13.02 2.98
CA ILE A 112 15.00 12.67 2.06
C ILE A 112 13.93 13.74 2.07
N MET A 113 13.53 14.17 3.26
CA MET A 113 12.49 15.20 3.37
C MET A 113 12.98 16.53 2.81
N VAL A 114 14.23 16.92 3.11
CA VAL A 114 14.75 18.17 2.57
C VAL A 114 14.71 18.16 1.05
N GLY A 115 15.10 17.04 0.46
CA GLY A 115 15.04 16.94 -0.99
C GLY A 115 13.62 17.08 -1.52
N PHE A 116 12.64 16.49 -0.82
CA PHE A 116 11.25 16.64 -1.25
C PHE A 116 10.78 18.09 -1.17
N ILE A 117 11.00 18.74 -0.02
CA ILE A 117 10.64 20.14 0.14
C ILE A 117 11.26 20.99 -0.95
N ARG A 118 12.54 20.75 -1.27
CA ARG A 118 13.21 21.52 -2.31
C ARG A 118 12.60 21.25 -3.68
N ALA A 119 12.20 20.01 -3.96
CA ALA A 119 11.58 19.70 -5.24
C ALA A 119 10.26 20.45 -5.41
N LEU A 120 9.52 20.65 -4.33
CA LEU A 120 8.28 21.41 -4.36
C LEU A 120 8.50 22.90 -4.20
N GLU A 121 9.74 23.33 -4.03
CA GLU A 121 10.07 24.75 -3.84
C GLU A 121 9.33 25.33 -2.64
N TRP A 122 9.23 24.53 -1.58
CA TRP A 122 8.50 24.90 -0.39
C TRP A 122 9.44 25.23 0.77
N GLU A 123 10.74 25.45 0.49
CA GLU A 123 11.67 25.78 1.57
C GLU A 123 11.15 26.92 2.43
N SER A 124 10.60 27.96 1.78
CA SER A 124 10.19 29.14 2.52
C SER A 124 8.93 28.92 3.33
N TYR A 125 8.19 27.82 3.10
CA TYR A 125 6.93 27.58 3.79
C TYR A 125 7.04 26.59 4.96
N VAL A 126 8.24 26.07 5.26
CA VAL A 126 8.37 25.05 6.30
C VAL A 126 8.13 25.70 7.66
N SER A 127 7.06 25.28 8.35
CA SER A 127 6.83 25.73 9.72
C SER A 127 7.74 25.00 10.70
N LYS A 128 7.86 23.67 10.56
CA LYS A 128 8.74 22.92 11.45
C LYS A 128 9.09 21.60 10.78
N TYR A 129 10.29 21.11 11.08
CA TYR A 129 10.71 19.75 10.79
C TYR A 129 10.53 18.93 12.07
N LEU A 130 9.81 17.84 11.97
CA LEU A 130 9.67 16.91 13.07
C LEU A 130 10.48 15.65 12.75
N PRO A 131 10.77 14.82 13.75
CA PRO A 131 11.57 13.60 13.48
C PRO A 131 11.01 12.77 12.35
N THR A 132 9.69 12.63 12.26
CA THR A 132 9.04 11.76 11.28
C THR A 132 8.33 12.52 10.17
N ALA A 133 8.32 13.84 10.19
CA ALA A 133 7.45 14.57 9.28
C ALA A 133 7.94 16.01 9.19
N ALA A 134 7.43 16.71 8.18
CA ALA A 134 7.62 18.16 8.10
C ALA A 134 6.26 18.84 7.95
N ILE A 135 6.15 20.06 8.46
CA ILE A 135 4.92 20.83 8.42
C ILE A 135 5.17 22.08 7.60
N VAL A 136 4.30 22.36 6.63
CA VAL A 136 4.40 23.56 5.81
C VAL A 136 3.14 24.40 5.97
N ALA A 137 3.30 25.71 5.87
CA ALA A 137 2.18 26.64 5.90
C ALA A 137 2.23 27.43 4.60
N ILE A 138 1.20 27.29 3.79
CA ILE A 138 1.24 27.74 2.40
C ILE A 138 0.08 28.68 2.16
N PRO A 139 0.19 29.54 1.15
CA PRO A 139 -1.01 30.23 0.64
C PRO A 139 -2.06 29.22 0.24
N LEU A 140 -3.31 29.60 0.43
CA LEU A 140 -4.43 28.68 0.36
C LEU A 140 -4.50 27.98 -0.99
N MET A 141 -4.68 26.67 -0.94
CA MET A 141 -4.93 25.84 -2.10
C MET A 141 -5.99 24.82 -1.71
N THR A 142 -6.85 24.47 -2.65
CA THR A 142 -7.69 23.29 -2.40
C THR A 142 -6.80 22.05 -2.39
N ALA A 143 -7.33 20.97 -1.81
CA ALA A 143 -6.53 19.75 -1.74
C ALA A 143 -6.22 19.22 -3.13
N LYS A 144 -7.17 19.36 -4.06
CA LYS A 144 -6.92 18.93 -5.43
C LYS A 144 -5.82 19.78 -6.06
N GLU A 145 -5.79 21.08 -5.72
CA GLU A 145 -4.75 21.95 -6.24
C GLU A 145 -3.38 21.59 -5.67
N VAL A 146 -3.33 21.22 -4.40
CA VAL A 146 -2.08 20.73 -3.83
C VAL A 146 -1.63 19.46 -4.55
N ALA A 147 -2.58 18.56 -4.80
CA ALA A 147 -2.27 17.31 -5.48
C ALA A 147 -1.76 17.56 -6.89
N GLU A 148 -2.37 18.51 -7.60
CA GLU A 148 -1.91 18.84 -8.95
C GLU A 148 -0.55 19.54 -8.92
N TYR A 149 -0.33 20.39 -7.91
CA TYR A 149 0.96 21.04 -7.76
C TYR A 149 2.06 20.02 -7.53
N ALA A 150 1.86 19.11 -6.57
CA ALA A 150 2.87 18.09 -6.32
C ALA A 150 3.14 17.24 -7.56
N LYS A 151 2.08 16.81 -8.24
CA LYS A 151 2.23 16.03 -9.46
C LYS A 151 3.08 16.75 -10.49
N GLU A 152 2.84 18.06 -10.68
CA GLU A 152 3.59 18.83 -11.68
C GLU A 152 5.04 19.05 -11.26
N MET A 153 5.27 19.42 -10.00
CA MET A 153 6.63 19.70 -9.56
C MET A 153 7.49 18.43 -9.57
N LEU A 154 6.88 17.29 -9.24
CA LEU A 154 7.62 16.03 -9.20
C LEU A 154 7.67 15.36 -10.56
N SER A 155 6.86 15.83 -11.50
CA SER A 155 6.78 15.26 -12.84
C SER A 155 6.43 13.77 -12.76
N ILE A 156 5.29 13.48 -12.13
CA ILE A 156 4.84 12.11 -11.96
C ILE A 156 3.49 11.96 -12.64
N PRO A 157 3.13 10.74 -13.08
CA PRO A 157 1.96 10.63 -13.98
C PRO A 157 0.63 10.72 -13.28
N PHE A 158 0.55 10.29 -12.02
CA PHE A 158 -0.72 10.31 -11.32
C PHE A 158 -0.45 10.42 -9.83
N VAL A 159 -1.45 10.89 -9.10
CA VAL A 159 -1.41 10.83 -7.65
C VAL A 159 -2.78 10.34 -7.24
N ARG A 160 -2.88 9.87 -5.99
CA ARG A 160 -4.16 9.45 -5.45
C ARG A 160 -4.52 10.38 -4.32
N ILE A 161 -5.82 10.64 -4.14
CA ILE A 161 -6.29 11.55 -3.11
C ILE A 161 -7.51 10.92 -2.42
N ALA A 162 -7.46 10.83 -1.10
CA ALA A 162 -8.58 10.50 -0.24
C ALA A 162 -9.17 11.75 0.40
N GLY A 163 -10.47 11.68 0.74
CA GLY A 163 -11.13 12.76 1.43
C GLY A 163 -11.67 13.88 0.53
N ASP A 164 -11.63 15.10 1.03
CA ASP A 164 -12.35 16.22 0.42
C ASP A 164 -11.43 16.93 -0.58
N LEU A 165 -11.70 16.76 -1.87
CA LEU A 165 -10.85 17.38 -2.89
C LEU A 165 -10.94 18.90 -2.84
N SER A 166 -12.03 19.45 -2.29
CA SER A 166 -12.22 20.88 -2.18
C SER A 166 -11.76 21.44 -0.83
N ALA A 167 -11.21 20.61 0.04
CA ALA A 167 -10.78 21.08 1.35
C ALA A 167 -9.82 22.26 1.21
N PRO A 168 -10.12 23.40 1.81
CA PRO A 168 -9.15 24.51 1.79
C PRO A 168 -7.94 24.15 2.65
N CYS A 169 -6.76 24.20 2.03
CA CYS A 169 -5.50 23.82 2.69
C CYS A 169 -4.62 25.05 2.89
N THR A 170 -4.27 25.34 4.15
CA THR A 170 -3.15 26.23 4.43
C THR A 170 -2.09 25.61 5.31
N ARG A 171 -2.35 24.47 5.93
CA ARG A 171 -1.38 23.77 6.76
C ARG A 171 -1.35 22.31 6.30
N ILE A 172 -0.16 21.83 5.95
CA ILE A 172 0.00 20.51 5.36
C ILE A 172 1.14 19.80 6.06
N GLY A 173 0.98 18.52 6.33
CA GLY A 173 2.04 17.66 6.83
C GLY A 173 2.54 16.78 5.70
N ILE A 174 3.86 16.51 5.72
CA ILE A 174 4.51 15.68 4.71
C ILE A 174 5.24 14.55 5.41
N LEU A 175 5.03 13.30 4.94
CA LEU A 175 5.78 12.13 5.41
C LEU A 175 6.29 11.35 4.22
N VAL A 176 7.59 11.18 4.13
CA VAL A 176 8.14 10.51 2.96
C VAL A 176 8.29 9.02 3.21
N GLY A 177 8.36 8.24 2.12
CA GLY A 177 8.58 6.82 2.28
C GLY A 177 7.34 6.12 2.78
N TYR A 178 7.55 4.98 3.44
CA TYR A 178 6.45 4.18 3.98
C TYR A 178 6.12 4.68 5.40
N ARG A 179 5.62 5.91 5.44
CA ARG A 179 5.34 6.54 6.72
C ARG A 179 3.90 7.01 6.81
N GLY A 180 3.05 6.55 5.90
CA GLY A 180 1.68 6.99 5.91
C GLY A 180 0.79 6.28 6.87
N GLY A 181 1.32 5.33 7.64
CA GLY A 181 0.50 4.59 8.57
C GLY A 181 -0.11 5.48 9.63
N GLY A 182 -1.12 4.92 10.30
CA GLY A 182 -1.93 5.72 11.21
C GLY A 182 -1.18 6.20 12.44
N ALA A 183 -0.25 5.40 12.94
CA ALA A 183 0.44 5.78 14.17
C ALA A 183 1.29 7.03 13.97
N LEU A 184 1.88 7.20 12.79
CA LEU A 184 2.67 8.40 12.51
C LEU A 184 1.79 9.55 12.02
N SER A 185 0.79 9.24 11.18
CA SER A 185 0.07 10.26 10.42
C SER A 185 -1.13 10.80 11.17
N ILE A 186 -1.95 9.91 11.72
CA ILE A 186 -3.19 10.36 12.30
C ILE A 186 -3.00 11.34 13.41
N PRO A 187 -2.10 11.19 14.38
CA PRO A 187 -1.96 12.19 15.44
C PRO A 187 -1.56 13.55 14.92
N LEU A 188 -0.85 13.63 13.80
CA LEU A 188 -0.40 14.93 13.32
C LEU A 188 -1.56 15.82 12.93
N PHE A 189 -2.70 15.23 12.52
CA PHE A 189 -3.81 16.04 12.01
C PHE A 189 -4.30 17.01 13.06
N GLU A 190 -4.56 16.54 14.27
CA GLU A 190 -5.03 17.52 15.23
C GLU A 190 -3.90 18.11 16.08
N GLN A 191 -2.78 17.39 16.24
CA GLN A 191 -1.66 17.98 16.98
C GLN A 191 -1.07 19.16 16.24
N GLU A 192 -0.98 19.09 14.91
CA GLU A 192 -0.43 20.21 14.16
C GLU A 192 -1.49 20.95 13.35
N HIS A 193 -2.76 20.65 13.58
CA HIS A 193 -3.88 21.40 12.99
C HIS A 193 -3.77 21.41 11.47
N LEU A 194 -3.59 20.21 10.91
CA LEU A 194 -3.37 20.04 9.48
C LEU A 194 -4.69 19.96 8.72
N ASP A 195 -4.70 20.55 7.53
CA ASP A 195 -5.81 20.37 6.60
C ASP A 195 -5.63 19.13 5.75
N ALA A 196 -4.37 18.73 5.56
CA ALA A 196 -4.08 17.62 4.66
C ALA A 196 -2.70 17.08 4.96
N ILE A 197 -2.48 15.82 4.59
CA ILE A 197 -1.17 15.21 4.68
C ILE A 197 -0.80 14.66 3.31
N ILE A 198 0.47 14.82 2.95
CA ILE A 198 1.05 14.23 1.75
C ILE A 198 1.95 13.11 2.21
N TYR A 199 1.79 11.92 1.63
CA TYR A 199 2.74 10.89 1.98
C TYR A 199 2.99 9.96 0.82
N GLY A 200 4.00 9.13 1.00
CA GLY A 200 4.46 8.27 -0.09
C GLY A 200 3.66 6.99 -0.14
N GLU A 201 3.66 6.23 0.95
CA GLU A 201 2.97 4.95 0.98
C GLU A 201 2.54 4.66 2.41
N GLY A 202 1.38 4.00 2.56
CA GLY A 202 0.95 3.51 3.85
C GLY A 202 -0.24 2.58 3.74
N PRO A 203 -0.55 1.88 4.83
CA PRO A 203 -1.69 0.93 4.80
C PRO A 203 -2.98 1.63 4.38
N GLU A 204 -3.70 1.02 3.44
CA GLU A 204 -4.95 1.62 3.00
C GLU A 204 -6.00 1.66 4.10
N TRP A 205 -5.90 0.79 5.09
CA TRP A 205 -6.96 0.67 6.09
C TRP A 205 -6.74 1.54 7.31
N GLU A 206 -5.71 2.39 7.32
CA GLU A 206 -5.39 3.19 8.49
C GLU A 206 -5.69 4.66 8.15
N THR A 207 -4.68 5.48 7.85
CA THR A 207 -4.93 6.91 7.66
C THR A 207 -6.00 7.24 6.63
N PRO A 208 -6.10 6.57 5.48
CA PRO A 208 -7.19 6.94 4.55
C PRO A 208 -8.56 6.68 5.13
N GLU A 209 -8.73 5.66 5.98
CA GLU A 209 -10.04 5.42 6.58
C GLU A 209 -10.36 6.44 7.65
N TYR A 210 -9.33 6.90 8.37
CA TYR A 210 -9.51 8.02 9.28
C TYR A 210 -10.03 9.24 8.53
N ILE A 211 -9.42 9.54 7.37
CA ILE A 211 -9.84 10.70 6.61
C ILE A 211 -11.24 10.51 6.05
N ARG A 212 -11.58 9.28 5.61
CA ARG A 212 -12.93 9.00 5.13
C ARG A 212 -13.97 9.35 6.18
N ASP A 213 -13.75 8.90 7.41
CA ASP A 213 -14.69 9.19 8.49
C ASP A 213 -14.69 10.67 8.84
N ALA A 214 -13.51 11.29 8.90
CA ALA A 214 -13.46 12.72 9.21
C ALA A 214 -14.28 13.52 8.23
N VAL A 215 -14.17 13.20 6.94
CA VAL A 215 -14.95 13.91 5.93
C VAL A 215 -16.44 13.59 6.09
N TYR A 216 -16.77 12.35 6.43
CA TYR A 216 -18.18 12.01 6.70
C TYR A 216 -18.73 12.85 7.84
N GLN A 217 -17.90 13.14 8.83
CA GLN A 217 -18.31 13.93 9.98
C GLN A 217 -18.28 15.43 9.71
N GLY A 218 -18.01 15.85 8.47
CA GLY A 218 -18.02 17.25 8.11
C GLY A 218 -16.67 17.94 8.09
N ARG A 219 -15.59 17.27 8.45
CA ARG A 219 -14.31 17.97 8.41
C ARG A 219 -13.81 18.06 6.97
N GLN A 220 -13.16 19.18 6.68
CA GLN A 220 -12.63 19.43 5.34
C GLN A 220 -11.15 19.07 5.38
N LYS A 221 -10.89 17.76 5.21
CA LYS A 221 -9.53 17.23 5.28
C LYS A 221 -9.29 16.33 4.08
N ALA A 222 -8.02 16.10 3.78
CA ALA A 222 -7.70 15.25 2.65
C ALA A 222 -6.32 14.64 2.83
N LEU A 223 -6.06 13.63 2.00
CA LEU A 223 -4.81 12.90 2.04
C LEU A 223 -4.33 12.74 0.61
N ILE A 224 -3.09 13.14 0.33
CA ILE A 224 -2.50 13.00 -0.98
C ILE A 224 -1.41 11.94 -0.92
N VAL A 225 -1.58 10.88 -1.71
CA VAL A 225 -0.69 9.73 -1.71
C VAL A 225 0.10 9.72 -3.02
N LEU A 226 1.42 9.84 -2.91
CA LEU A 226 2.27 10.06 -4.07
C LEU A 226 2.84 8.79 -4.68
N GLY A 227 3.03 7.76 -3.89
CA GLY A 227 3.89 6.66 -4.31
C GLY A 227 5.15 6.64 -3.47
N HIS A 228 5.63 5.42 -3.16
CA HIS A 228 6.81 5.32 -2.31
C HIS A 228 8.03 5.90 -3.00
N ALA A 229 8.36 5.38 -4.19
CA ALA A 229 9.50 5.95 -4.91
C ALA A 229 9.31 7.43 -5.20
N GLU A 230 8.09 7.83 -5.57
CA GLU A 230 7.86 9.24 -5.89
C GLU A 230 8.18 10.16 -4.70
N SER A 231 7.95 9.69 -3.48
CA SER A 231 8.16 10.54 -2.32
C SER A 231 9.64 10.62 -1.95
N GLU A 232 10.47 9.71 -2.44
CA GLU A 232 11.86 9.62 -2.00
C GLU A 232 12.88 9.88 -3.12
N GLU A 233 12.46 9.84 -4.39
CA GLU A 233 13.40 10.14 -5.46
C GLU A 233 13.97 11.55 -5.40
N PRO A 234 13.24 12.59 -4.97
CA PRO A 234 13.90 13.89 -4.80
C PRO A 234 15.06 13.83 -3.82
N GLY A 235 14.90 13.07 -2.73
CA GLY A 235 15.99 12.93 -1.76
C GLY A 235 17.23 12.31 -2.37
N MET A 236 17.06 11.40 -3.34
CA MET A 236 18.20 10.73 -3.95
C MET A 236 18.85 11.59 -5.02
N LYS A 237 18.07 12.43 -5.68
CA LYS A 237 18.64 13.43 -6.57
C LYS A 237 19.44 14.45 -5.75
N TYR A 238 18.86 14.90 -4.64
CA TYR A 238 19.57 15.79 -3.73
C TYR A 238 20.87 15.17 -3.23
N LEU A 239 20.86 13.85 -2.96
CA LEU A 239 22.07 13.15 -2.51
C LEU A 239 23.16 13.20 -3.58
N ALA A 240 22.78 13.01 -4.85
CA ALA A 240 23.78 13.09 -5.92
C ALA A 240 24.40 14.49 -6.00
N GLU A 241 23.59 15.52 -5.79
CA GLU A 241 24.14 16.88 -5.78
C GLU A 241 25.11 17.07 -4.63
N TRP A 242 24.75 16.58 -3.44
CA TRP A 242 25.62 16.67 -2.27
C TRP A 242 26.92 15.92 -2.50
N LEU A 243 26.82 14.67 -3.00
CA LEU A 243 28.02 13.88 -3.27
C LEU A 243 28.91 14.53 -4.33
N GLY A 244 28.31 15.14 -5.35
CA GLY A 244 29.11 15.80 -6.37
C GLY A 244 29.92 16.96 -5.82
N GLU A 245 29.36 17.65 -4.81
CA GLU A 245 30.10 18.72 -4.16
C GLU A 245 31.16 18.17 -3.21
N GLN A 246 30.82 17.09 -2.50
CA GLN A 246 31.77 16.48 -1.58
C GLN A 246 32.95 15.88 -2.33
N PHE A 247 32.73 15.44 -3.58
CA PHE A 247 33.77 14.80 -4.38
C PHE A 247 33.80 15.45 -5.77
N PRO A 248 34.35 16.66 -5.86
CA PRO A 248 34.23 17.43 -7.11
C PRO A 248 35.02 16.85 -8.26
N ASP A 249 35.89 15.88 -8.03
CA ASP A 249 36.67 15.27 -9.12
C ASP A 249 36.08 13.95 -9.61
N ILE A 250 34.95 13.55 -9.06
CA ILE A 250 34.27 12.32 -9.46
C ILE A 250 32.92 12.70 -10.05
N PRO A 251 32.60 12.29 -11.26
CA PRO A 251 31.23 12.49 -11.77
C PRO A 251 30.20 11.75 -10.91
N VAL A 252 29.10 12.45 -10.56
CA VAL A 252 28.01 11.92 -9.73
C VAL A 252 26.65 12.32 -10.31
N HIS A 253 25.77 11.32 -10.56
CA HIS A 253 24.48 11.56 -11.19
C HIS A 253 23.36 10.72 -10.62
N PHE A 254 22.19 11.34 -10.51
CA PHE A 254 20.97 10.68 -10.18
C PHE A 254 20.40 10.01 -11.44
N LEU A 255 19.96 8.76 -11.28
CA LEU A 255 19.21 8.03 -12.28
C LEU A 255 17.78 7.88 -11.79
N ARG A 256 16.84 8.39 -12.57
CA ARG A 256 15.42 8.24 -12.27
C ARG A 256 14.87 7.01 -12.98
N GLU A 257 14.02 6.26 -12.29
CA GLU A 257 13.33 5.14 -12.89
C GLU A 257 11.98 5.58 -13.43
N ARG A 258 11.40 4.73 -14.29
CA ARG A 258 10.05 4.93 -14.72
C ARG A 258 9.10 4.60 -13.57
N PRO A 259 7.89 5.15 -13.58
CA PRO A 259 6.90 4.80 -12.53
C PRO A 259 6.70 3.30 -12.47
N ILE A 260 6.57 2.78 -11.25
CA ILE A 260 6.39 1.33 -11.13
C ILE A 260 5.01 0.93 -11.66
N PHE A 261 4.02 1.81 -11.54
CA PHE A 261 2.65 1.46 -11.92
C PHE A 261 2.17 2.36 -13.05
N GLN A 262 1.30 1.80 -13.88
CA GLN A 262 0.44 2.58 -14.76
C GLN A 262 -0.98 2.43 -14.24
N VAL A 263 -1.78 3.47 -14.41
CA VAL A 263 -3.18 3.44 -14.01
C VAL A 263 -4.01 3.05 -15.21
N ILE A 264 -4.89 2.07 -15.02
CA ILE A 264 -5.93 1.70 -15.98
C ILE A 264 -7.23 2.33 -15.49
N HIS A 265 -7.75 3.29 -16.25
CA HIS A 265 -9.01 3.95 -15.90
C HIS A 265 -9.92 4.07 -17.13
N MET B 1 -38.93 -19.18 17.38
CA MET B 1 -37.79 -18.73 18.18
C MET B 1 -36.93 -17.75 17.40
N ALA B 2 -36.65 -16.61 18.04
CA ALA B 2 -35.89 -15.57 17.37
C ALA B 2 -34.41 -15.93 17.32
N THR B 3 -33.68 -15.18 16.52
CA THR B 3 -32.25 -15.34 16.32
C THR B 3 -31.51 -14.22 17.03
N THR B 4 -30.47 -14.57 17.80
CA THR B 4 -29.69 -13.58 18.51
C THR B 4 -28.36 -13.31 17.81
N VAL B 5 -27.67 -12.28 18.30
CA VAL B 5 -26.38 -11.89 17.75
C VAL B 5 -25.39 -13.04 17.89
N GLN B 6 -25.29 -13.61 19.09
CA GLN B 6 -24.40 -14.74 19.31
C GLN B 6 -24.80 -15.95 18.46
N ASP B 7 -26.09 -16.10 18.18
CA ASP B 7 -26.53 -17.17 17.28
C ASP B 7 -25.89 -17.02 15.90
N VAL B 8 -25.88 -15.79 15.37
CA VAL B 8 -25.26 -15.55 14.07
C VAL B 8 -23.75 -15.77 14.16
N ILE B 9 -23.13 -15.29 15.23
CA ILE B 9 -21.70 -15.51 15.43
C ILE B 9 -21.37 -16.99 15.38
N GLU B 10 -22.18 -17.83 16.04
CA GLU B 10 -21.88 -19.25 16.10
C GLU B 10 -22.05 -19.92 14.75
N ARG B 11 -23.03 -19.48 13.97
CA ARG B 11 -23.20 -20.00 12.61
C ARG B 11 -22.02 -19.61 11.74
N LEU B 12 -21.43 -18.43 11.98
CA LEU B 12 -20.31 -17.98 11.18
C LEU B 12 -19.04 -18.73 11.51
N THR B 13 -18.78 -18.94 12.80
CA THR B 13 -17.58 -19.62 13.27
C THR B 13 -17.74 -21.13 13.37
N ALA B 14 -18.82 -21.69 12.79
CA ALA B 14 -19.19 -23.06 13.11
C ALA B 14 -18.13 -24.05 12.64
N SER B 15 -17.77 -24.00 11.36
CA SER B 15 -16.92 -25.06 10.81
C SER B 15 -15.44 -24.81 10.99
N VAL B 16 -15.03 -23.69 11.58
CA VAL B 16 -13.63 -23.37 11.79
C VAL B 16 -13.33 -23.47 13.27
N GLY B 17 -12.27 -24.19 13.61
CA GLY B 17 -11.85 -24.28 14.99
C GLY B 17 -11.38 -22.96 15.53
N LYS B 18 -11.43 -22.84 16.87
CA LYS B 18 -11.06 -21.60 17.53
C LYS B 18 -9.63 -21.20 17.16
N ILE B 19 -9.47 -19.93 16.79
CA ILE B 19 -8.20 -19.36 16.37
C ILE B 19 -7.61 -18.59 17.55
N PRO B 20 -6.39 -18.87 17.98
CA PRO B 20 -5.85 -18.24 19.20
C PRO B 20 -5.60 -16.75 19.04
N ASN B 21 -5.99 -15.99 20.07
CA ASN B 21 -6.05 -14.52 20.06
C ASN B 21 -6.41 -13.94 18.70
N THR B 22 -7.40 -14.54 18.03
CA THR B 22 -8.06 -13.85 16.94
C THR B 22 -8.75 -12.60 17.47
N MET B 23 -8.78 -11.54 16.65
CA MET B 23 -9.55 -10.34 16.95
C MET B 23 -10.87 -10.31 16.22
N ASP B 24 -11.35 -11.48 15.78
CA ASP B 24 -12.72 -11.70 15.35
C ASP B 24 -13.61 -11.72 16.60
N THR B 25 -13.90 -10.52 17.09
CA THR B 25 -14.57 -10.32 18.37
C THR B 25 -15.82 -9.48 18.15
N LEU B 26 -16.65 -9.39 19.19
CA LEU B 26 -17.80 -8.49 19.17
C LEU B 26 -17.33 -7.13 19.63
N GLN B 27 -17.25 -6.18 18.70
CA GLN B 27 -16.69 -4.87 19.03
C GLN B 27 -17.61 -4.10 19.95
N HIS B 28 -18.93 -4.28 19.79
CA HIS B 28 -19.91 -3.52 20.54
C HIS B 28 -21.24 -4.24 20.49
N GLY B 29 -22.04 -4.04 21.52
CA GLY B 29 -23.40 -4.52 21.54
C GLY B 29 -23.57 -5.72 22.48
N ASP B 30 -24.84 -6.11 22.62
CA ASP B 30 -25.22 -7.21 23.49
C ASP B 30 -25.34 -8.48 22.67
N PRO B 31 -24.58 -9.53 23.00
CA PRO B 31 -24.69 -10.79 22.24
C PRO B 31 -26.06 -11.41 22.29
N ASN B 32 -26.86 -11.08 23.29
CA ASN B 32 -28.17 -11.70 23.45
C ASN B 32 -29.29 -10.87 22.84
N MET B 33 -28.93 -9.83 22.08
CA MET B 33 -29.93 -9.05 21.35
C MET B 33 -30.51 -9.86 20.21
N GLU B 34 -31.81 -9.71 19.98
CA GLU B 34 -32.46 -10.33 18.84
C GLU B 34 -32.14 -9.53 17.59
N VAL B 35 -31.96 -10.25 16.48
CA VAL B 35 -31.49 -9.65 15.24
C VAL B 35 -32.70 -9.35 14.37
N LYS B 36 -33.01 -8.05 14.23
CA LYS B 36 -34.04 -7.61 13.30
C LYS B 36 -33.51 -7.51 11.88
N GLY B 37 -32.25 -7.11 11.72
CA GLY B 37 -31.65 -7.06 10.40
C GLY B 37 -30.15 -7.21 10.50
N ILE B 38 -29.54 -7.60 9.37
CA ILE B 38 -28.10 -7.83 9.27
C ILE B 38 -27.55 -7.01 8.13
N ALA B 39 -26.43 -6.32 8.37
CA ALA B 39 -25.64 -5.65 7.33
C ALA B 39 -24.23 -6.21 7.32
N THR B 40 -23.65 -6.38 6.13
CA THR B 40 -22.25 -6.70 5.95
C THR B 40 -21.52 -5.52 5.30
N SER B 41 -20.23 -5.40 5.61
CA SER B 41 -19.42 -4.36 5.01
C SER B 41 -17.96 -4.79 5.07
N PHE B 42 -17.13 -4.22 4.20
CA PHE B 42 -15.70 -4.41 4.36
C PHE B 42 -15.20 -3.67 5.58
N MET B 43 -15.53 -2.39 5.66
CA MET B 43 -15.03 -1.47 6.67
C MET B 43 -16.22 -0.88 7.43
N PRO B 44 -16.15 -0.83 8.75
CA PRO B 44 -17.27 -0.23 9.52
C PRO B 44 -17.18 1.28 9.57
N THR B 45 -17.31 1.92 8.40
CA THR B 45 -17.15 3.35 8.36
C THR B 45 -18.27 4.03 9.13
N TYR B 46 -18.08 5.33 9.40
CA TYR B 46 -19.10 6.14 10.04
C TYR B 46 -20.41 6.10 9.25
N ARG B 47 -20.34 6.23 7.93
CA ARG B 47 -21.52 6.17 7.09
C ARG B 47 -22.13 4.77 7.07
N VAL B 48 -21.29 3.73 7.00
CA VAL B 48 -21.82 2.37 7.03
C VAL B 48 -22.68 2.15 8.26
N ILE B 49 -22.23 2.65 9.42
CA ILE B 49 -22.99 2.46 10.66
C ILE B 49 -24.29 3.25 10.59
N GLN B 50 -24.23 4.49 10.08
CA GLN B 50 -25.47 5.27 9.91
C GLN B 50 -26.47 4.55 9.01
N GLN B 51 -26.00 3.94 7.91
CA GLN B 51 -26.94 3.28 7.01
C GLN B 51 -27.53 2.04 7.66
N ALA B 52 -26.73 1.31 8.43
CA ALA B 52 -27.26 0.12 9.10
C ALA B 52 -28.38 0.51 10.06
N VAL B 53 -28.16 1.56 10.85
CA VAL B 53 -29.20 2.11 11.71
C VAL B 53 -30.43 2.48 10.88
N SER B 54 -30.22 3.21 9.78
CA SER B 54 -31.35 3.71 9.00
C SER B 54 -32.17 2.58 8.39
N MET B 55 -31.53 1.46 8.08
CA MET B 55 -32.20 0.28 7.55
C MET B 55 -32.73 -0.64 8.65
N GLU B 56 -32.60 -0.26 9.92
CA GLU B 56 -32.98 -1.09 11.04
C GLU B 56 -32.25 -2.42 11.07
N ALA B 57 -31.07 -2.51 10.46
CA ALA B 57 -30.17 -3.63 10.69
C ALA B 57 -29.45 -3.40 12.01
N ASN B 58 -29.65 -4.30 12.97
CA ASN B 58 -29.06 -4.13 14.29
C ASN B 58 -27.83 -5.01 14.51
N LEU B 59 -27.39 -5.74 13.50
CA LEU B 59 -26.13 -6.47 13.54
C LEU B 59 -25.33 -6.12 12.30
N LEU B 60 -24.16 -5.51 12.50
CA LEU B 60 -23.25 -5.17 11.42
C LEU B 60 -22.03 -6.09 11.50
N ILE B 61 -21.82 -6.88 10.44
CA ILE B 61 -20.69 -7.79 10.33
C ILE B 61 -19.71 -7.19 9.32
N THR B 62 -18.50 -6.91 9.78
CA THR B 62 -17.52 -6.19 8.99
C THR B 62 -16.19 -6.92 9.06
N HIS B 63 -15.34 -6.66 8.06
CA HIS B 63 -14.07 -7.37 7.96
C HIS B 63 -12.96 -6.70 8.76
N GLU B 64 -13.03 -5.39 8.94
CA GLU B 64 -11.91 -4.61 9.47
C GLU B 64 -12.32 -3.94 10.78
N GLY B 65 -11.34 -3.30 11.42
CA GLY B 65 -11.56 -2.74 12.74
C GLY B 65 -12.27 -1.41 12.68
N LEU B 66 -12.67 -0.95 13.86
CA LEU B 66 -13.50 0.26 13.95
C LEU B 66 -12.68 1.54 13.89
N PHE B 67 -11.41 1.48 14.30
CA PHE B 67 -10.65 2.73 14.43
C PHE B 67 -9.30 2.67 13.72
N TYR B 68 -9.34 2.40 12.42
CA TYR B 68 -8.25 2.71 11.49
C TYR B 68 -6.98 1.97 11.86
N SER B 69 -7.14 0.75 12.37
CA SER B 69 -6.03 -0.09 12.73
C SER B 69 -6.56 -1.52 12.85
N HIS B 70 -5.67 -2.47 12.62
CA HIS B 70 -6.03 -3.85 12.94
C HIS B 70 -6.03 -4.07 14.44
N THR B 71 -5.43 -3.15 15.19
CA THR B 71 -5.43 -3.11 16.66
C THR B 71 -5.90 -1.74 17.10
N ASP B 72 -7.10 -1.65 17.67
CA ASP B 72 -7.64 -0.35 18.04
C ASP B 72 -6.80 0.29 19.15
N ASN B 73 -6.69 1.62 19.08
CA ASN B 73 -5.70 2.40 19.81
C ASN B 73 -6.43 3.24 20.85
N THR B 74 -6.37 2.81 22.13
CA THR B 74 -7.00 3.57 23.23
C THR B 74 -6.30 4.91 23.39
N GLU B 75 -4.98 4.89 23.48
CA GLU B 75 -4.22 6.09 23.21
C GLU B 75 -4.65 6.60 21.83
N MET B 76 -4.78 7.93 21.70
CA MET B 76 -5.30 8.74 20.58
C MET B 76 -6.74 8.38 20.17
N MET B 77 -7.39 7.45 20.84
CA MET B 77 -8.85 7.37 20.83
C MET B 77 -9.47 8.38 21.75
N GLN B 78 -8.75 8.72 22.82
CA GLN B 78 -9.21 9.69 23.80
C GLN B 78 -9.34 11.07 23.17
N LYS B 79 -8.22 11.63 22.73
CA LYS B 79 -8.27 12.82 21.90
C LYS B 79 -8.59 12.43 20.46
N ASP B 80 -8.68 13.47 19.63
CA ASP B 80 -9.18 13.42 18.26
C ASP B 80 -10.70 13.28 18.23
N SER B 81 -11.36 14.33 17.71
CA SER B 81 -12.82 14.37 17.67
C SER B 81 -13.40 13.34 16.72
N VAL B 82 -12.60 12.85 15.76
CA VAL B 82 -13.10 11.87 14.80
C VAL B 82 -13.43 10.56 15.51
N TYR B 83 -12.46 10.05 16.27
CA TYR B 83 -12.70 8.87 17.12
C TYR B 83 -13.88 9.08 18.04
N GLN B 84 -13.93 10.25 18.71
CA GLN B 84 -14.96 10.52 19.70
C GLN B 84 -16.36 10.46 19.08
N GLU B 85 -16.56 11.15 17.96
CA GLU B 85 -17.88 11.20 17.36
C GLU B 85 -18.30 9.84 16.82
N LYS B 86 -17.33 9.03 16.39
CA LYS B 86 -17.70 7.68 15.94
C LYS B 86 -18.14 6.80 17.09
N ILE B 87 -17.45 6.90 18.23
CA ILE B 87 -17.84 6.16 19.44
C ILE B 87 -19.22 6.58 19.90
N ARG B 88 -19.48 7.88 19.89
CA ARG B 88 -20.80 8.41 20.23
C ARG B 88 -21.88 7.83 19.32
N LEU B 89 -21.61 7.77 18.02
CA LEU B 89 -22.57 7.16 17.10
C LEU B 89 -22.81 5.71 17.43
N ILE B 90 -21.73 4.94 17.65
CA ILE B 90 -21.87 3.52 17.96
C ILE B 90 -22.72 3.32 19.21
N ARG B 91 -22.40 4.06 20.28
CA ARG B 91 -23.12 3.94 21.54
C ARG B 91 -24.59 4.23 21.36
N GLU B 92 -24.92 5.38 20.77
CA GLU B 92 -26.31 5.74 20.60
C GLU B 92 -26.98 4.97 19.47
N SER B 93 -26.20 4.30 18.61
CA SER B 93 -26.79 3.49 17.56
C SER B 93 -27.62 2.35 18.12
N GLY B 94 -27.19 1.75 19.22
CA GLY B 94 -27.81 0.52 19.66
C GLY B 94 -27.73 -0.61 18.65
N ILE B 95 -26.59 -0.75 17.96
CA ILE B 95 -26.39 -1.86 17.05
C ILE B 95 -25.16 -2.65 17.50
N ALA B 96 -25.13 -3.92 17.11
CA ALA B 96 -24.02 -4.80 17.42
C ALA B 96 -23.09 -4.88 16.21
N ILE B 97 -21.78 -4.76 16.47
CA ILE B 97 -20.77 -4.78 15.42
C ILE B 97 -19.81 -5.92 15.70
N TYR B 98 -19.73 -6.88 14.78
CA TYR B 98 -18.90 -8.07 14.89
C TYR B 98 -17.90 -8.10 13.74
N ARG B 99 -16.63 -8.29 14.06
CA ARG B 99 -15.56 -8.33 13.07
C ARG B 99 -15.32 -9.78 12.65
N PHE B 100 -15.58 -10.07 11.38
CA PHE B 100 -15.45 -11.41 10.80
C PHE B 100 -14.33 -11.35 9.77
N HIS B 101 -13.15 -11.85 10.14
CA HIS B 101 -11.91 -11.68 9.40
C HIS B 101 -11.16 -13.00 9.28
N ASP B 102 -10.48 -13.42 10.36
CA ASP B 102 -9.73 -14.67 10.32
C ASP B 102 -10.62 -15.86 10.00
N TYR B 103 -11.77 -15.95 10.66
CA TYR B 103 -12.65 -17.10 10.47
C TYR B 103 -13.20 -17.13 9.06
N TRP B 104 -13.39 -15.97 8.45
CA TRP B 104 -13.81 -15.93 7.05
C TRP B 104 -12.71 -16.41 6.13
N HIS B 105 -11.47 -15.94 6.36
CA HIS B 105 -10.36 -16.37 5.52
C HIS B 105 -10.08 -17.86 5.69
N ARG B 106 -10.30 -18.40 6.90
CA ARG B 106 -9.96 -19.81 7.16
C ARG B 106 -11.12 -20.76 6.87
N HIS B 107 -12.16 -20.31 6.17
CA HIS B 107 -13.17 -21.24 5.70
C HIS B 107 -12.57 -22.15 4.63
N GLN B 108 -13.14 -23.38 4.53
CA GLN B 108 -12.60 -24.41 3.63
C GLN B 108 -12.21 -23.86 2.27
N PRO B 109 -13.10 -23.23 1.49
CA PRO B 109 -12.56 -22.30 0.48
C PRO B 109 -12.62 -20.88 1.01
N ASP B 110 -11.53 -20.13 0.93
CA ASP B 110 -11.49 -18.80 1.54
C ASP B 110 -12.71 -18.01 1.10
N GLY B 111 -13.52 -17.59 2.09
CA GLY B 111 -14.77 -16.91 1.76
C GLY B 111 -14.56 -15.58 1.07
N ILE B 112 -13.51 -14.84 1.46
CA ILE B 112 -13.15 -13.64 0.72
C ILE B 112 -12.75 -14.00 -0.71
N MET B 113 -11.98 -15.07 -0.86
CA MET B 113 -11.52 -15.49 -2.19
C MET B 113 -12.67 -16.01 -3.04
N VAL B 114 -13.58 -16.81 -2.47
CA VAL B 114 -14.71 -17.29 -3.24
C VAL B 114 -15.57 -16.12 -3.72
N GLY B 115 -15.76 -15.12 -2.87
CA GLY B 115 -16.51 -13.93 -3.29
C GLY B 115 -15.84 -13.24 -4.45
N PHE B 116 -14.51 -13.10 -4.40
CA PHE B 116 -13.77 -12.47 -5.48
C PHE B 116 -13.92 -13.23 -6.78
N ILE B 117 -13.74 -14.55 -6.73
CA ILE B 117 -13.78 -15.34 -7.96
C ILE B 117 -15.19 -15.35 -8.56
N ARG B 118 -16.22 -15.36 -7.70
CA ARG B 118 -17.59 -15.23 -8.19
C ARG B 118 -17.80 -13.90 -8.89
N ALA B 119 -17.23 -12.81 -8.34
CA ALA B 119 -17.49 -11.50 -8.91
C ALA B 119 -16.83 -11.37 -10.28
N LEU B 120 -15.72 -12.07 -10.50
CA LEU B 120 -15.11 -12.04 -11.82
C LEU B 120 -15.69 -13.13 -12.73
N GLU B 121 -16.68 -13.87 -12.27
CA GLU B 121 -17.28 -14.96 -13.04
C GLU B 121 -16.19 -15.91 -13.56
N TRP B 122 -15.25 -16.27 -12.67
CA TRP B 122 -14.10 -17.11 -13.00
C TRP B 122 -14.10 -18.43 -12.26
N GLU B 123 -15.22 -18.79 -11.62
CA GLU B 123 -15.28 -20.07 -10.91
C GLU B 123 -14.95 -21.24 -11.82
N SER B 124 -15.35 -21.15 -13.09
CA SER B 124 -15.04 -22.22 -14.03
C SER B 124 -13.55 -22.35 -14.33
N TYR B 125 -12.76 -21.33 -14.00
CA TYR B 125 -11.35 -21.29 -14.40
C TYR B 125 -10.41 -21.59 -13.24
N VAL B 126 -10.94 -21.93 -12.07
CA VAL B 126 -10.08 -22.17 -10.92
C VAL B 126 -9.25 -23.42 -11.19
N SER B 127 -7.92 -23.30 -11.01
CA SER B 127 -7.05 -24.47 -11.07
C SER B 127 -6.79 -25.06 -9.69
N LYS B 128 -6.58 -24.21 -8.68
CA LYS B 128 -6.44 -24.70 -7.31
C LYS B 128 -6.69 -23.56 -6.34
N TYR B 129 -7.09 -23.95 -5.11
CA TYR B 129 -7.22 -23.06 -3.96
C TYR B 129 -6.10 -23.39 -2.99
N LEU B 130 -5.12 -22.51 -2.88
CA LEU B 130 -4.06 -22.68 -1.90
C LEU B 130 -4.48 -22.04 -0.59
N PRO B 131 -3.75 -22.28 0.51
CA PRO B 131 -4.18 -21.70 1.79
C PRO B 131 -4.32 -20.18 1.75
N THR B 132 -3.40 -19.46 1.09
CA THR B 132 -3.45 -18.01 1.08
C THR B 132 -3.48 -17.42 -0.33
N ALA B 133 -3.90 -18.22 -1.32
CA ALA B 133 -3.95 -17.75 -2.70
C ALA B 133 -4.88 -18.69 -3.47
N ALA B 134 -5.29 -18.23 -4.66
CA ALA B 134 -5.96 -19.08 -5.65
C ALA B 134 -5.25 -18.95 -6.99
N ILE B 135 -5.25 -20.04 -7.77
CA ILE B 135 -4.68 -20.04 -9.11
C ILE B 135 -5.79 -20.28 -10.12
N VAL B 136 -5.84 -19.43 -11.15
CA VAL B 136 -6.83 -19.57 -12.21
C VAL B 136 -6.08 -19.75 -13.52
N ALA B 137 -6.67 -20.54 -14.42
CA ALA B 137 -6.22 -20.71 -15.80
C ALA B 137 -7.32 -20.19 -16.70
N ILE B 138 -7.08 -19.05 -17.33
CA ILE B 138 -8.15 -18.29 -17.99
C ILE B 138 -7.88 -18.31 -19.48
N PRO B 139 -8.91 -18.08 -20.29
CA PRO B 139 -8.68 -17.87 -21.73
C PRO B 139 -7.74 -16.69 -21.93
N LEU B 140 -6.83 -16.85 -22.90
CA LEU B 140 -5.75 -15.91 -23.08
C LEU B 140 -6.24 -14.47 -23.17
N MET B 141 -5.63 -13.61 -22.36
CA MET B 141 -5.81 -12.17 -22.41
C MET B 141 -4.45 -11.53 -22.19
N THR B 142 -4.25 -10.34 -22.73
CA THR B 142 -3.10 -9.55 -22.30
C THR B 142 -3.30 -9.09 -20.87
N ALA B 143 -2.18 -8.79 -20.18
CA ALA B 143 -2.27 -8.29 -18.82
C ALA B 143 -3.18 -7.07 -18.73
N LYS B 144 -3.07 -6.15 -19.69
CA LYS B 144 -3.93 -4.98 -19.68
C LYS B 144 -5.39 -5.41 -19.75
N GLU B 145 -5.67 -6.43 -20.56
CA GLU B 145 -7.04 -6.91 -20.72
C GLU B 145 -7.54 -7.55 -19.44
N VAL B 146 -6.69 -8.28 -18.73
CA VAL B 146 -7.07 -8.79 -17.42
C VAL B 146 -7.42 -7.63 -16.48
N ALA B 147 -6.55 -6.63 -16.43
CA ALA B 147 -6.78 -5.47 -15.57
C ALA B 147 -8.08 -4.76 -15.92
N GLU B 148 -8.31 -4.50 -17.21
CA GLU B 148 -9.57 -3.90 -17.66
C GLU B 148 -10.76 -4.79 -17.31
N TYR B 149 -10.60 -6.12 -17.45
CA TYR B 149 -11.70 -7.02 -17.09
C TYR B 149 -12.01 -6.96 -15.61
N ALA B 150 -10.97 -7.05 -14.76
CA ALA B 150 -11.18 -6.96 -13.33
C ALA B 150 -11.86 -5.65 -12.94
N LYS B 151 -11.43 -4.55 -13.55
CA LYS B 151 -11.99 -3.25 -13.26
C LYS B 151 -13.47 -3.18 -13.62
N GLU B 152 -13.84 -3.78 -14.75
CA GLU B 152 -15.25 -3.76 -15.18
C GLU B 152 -16.09 -4.67 -14.31
N MET B 153 -15.61 -5.89 -14.04
CA MET B 153 -16.41 -6.85 -13.30
C MET B 153 -16.60 -6.42 -11.85
N LEU B 154 -15.62 -5.70 -11.28
CA LEU B 154 -15.74 -5.26 -9.90
C LEU B 154 -16.39 -3.88 -9.77
N SER B 155 -16.63 -3.17 -10.87
CA SER B 155 -17.24 -1.84 -10.85
C SER B 155 -16.40 -0.86 -10.02
N ILE B 156 -15.11 -0.80 -10.30
CA ILE B 156 -14.20 0.07 -9.55
C ILE B 156 -13.57 1.09 -10.50
N PRO B 157 -13.16 2.26 -10.02
CA PRO B 157 -12.81 3.35 -10.94
C PRO B 157 -11.45 3.17 -11.62
N PHE B 158 -10.48 2.51 -10.99
CA PHE B 158 -9.18 2.34 -11.61
C PHE B 158 -8.50 1.13 -10.98
N VAL B 159 -7.52 0.59 -11.71
CA VAL B 159 -6.60 -0.38 -11.15
C VAL B 159 -5.21 0.06 -11.58
N ARG B 160 -4.20 -0.54 -10.97
CA ARG B 160 -2.82 -0.26 -11.31
C ARG B 160 -2.14 -1.52 -11.80
N ILE B 161 -1.17 -1.35 -12.72
CA ILE B 161 -0.50 -2.48 -13.34
C ILE B 161 0.99 -2.18 -13.39
N ALA B 162 1.80 -3.14 -12.96
CA ALA B 162 3.24 -3.11 -13.09
C ALA B 162 3.66 -4.19 -14.08
N GLY B 163 4.80 -3.98 -14.72
CA GLY B 163 5.31 -4.98 -15.64
C GLY B 163 4.89 -4.79 -17.08
N ASP B 164 4.69 -5.90 -17.76
CA ASP B 164 4.46 -5.93 -19.20
C ASP B 164 2.96 -5.93 -19.46
N LEU B 165 2.42 -4.78 -19.87
CA LEU B 165 1.00 -4.68 -20.21
C LEU B 165 0.65 -5.60 -21.38
N SER B 166 1.62 -5.92 -22.23
CA SER B 166 1.42 -6.81 -23.36
C SER B 166 1.49 -8.29 -22.97
N ALA B 167 1.77 -8.61 -21.71
CA ALA B 167 2.07 -10.00 -21.37
C ALA B 167 0.88 -10.91 -21.67
N PRO B 168 1.10 -12.00 -22.40
CA PRO B 168 0.03 -13.00 -22.61
C PRO B 168 -0.26 -13.73 -21.30
N CYS B 169 -1.48 -13.60 -20.81
CA CYS B 169 -1.85 -14.13 -19.50
C CYS B 169 -2.83 -15.28 -19.64
N THR B 170 -2.43 -16.46 -19.16
CA THR B 170 -3.37 -17.57 -19.01
C THR B 170 -3.39 -18.05 -17.56
N ARG B 171 -2.22 -18.16 -16.93
CA ARG B 171 -2.11 -18.63 -15.55
C ARG B 171 -1.92 -17.44 -14.63
N ILE B 172 -2.89 -17.21 -13.74
CA ILE B 172 -2.92 -16.03 -12.88
C ILE B 172 -3.09 -16.46 -11.44
N GLY B 173 -2.24 -15.95 -10.56
CA GLY B 173 -2.43 -16.08 -9.12
C GLY B 173 -3.21 -14.91 -8.57
N ILE B 174 -4.02 -15.17 -7.53
CA ILE B 174 -4.85 -14.17 -6.87
C ILE B 174 -4.51 -14.19 -5.38
N LEU B 175 -4.29 -12.99 -4.81
CA LEU B 175 -4.11 -12.84 -3.37
C LEU B 175 -4.96 -11.66 -2.91
N VAL B 176 -5.90 -11.91 -2.02
CA VAL B 176 -6.87 -10.91 -1.60
C VAL B 176 -6.33 -10.16 -0.39
N GLY B 177 -6.77 -8.91 -0.25
CA GLY B 177 -6.36 -8.10 0.87
C GLY B 177 -4.88 -7.73 0.81
N TYR B 178 -4.30 -7.54 1.99
CA TYR B 178 -2.89 -7.19 2.15
C TYR B 178 -2.08 -8.49 2.18
N ARG B 179 -1.99 -9.10 1.00
CA ARG B 179 -1.19 -10.32 0.82
C ARG B 179 -0.30 -10.21 -0.39
N GLY B 180 -0.17 -9.01 -0.96
CA GLY B 180 0.65 -8.86 -2.12
C GLY B 180 2.15 -8.83 -1.88
N GLY B 181 2.59 -8.89 -0.63
CA GLY B 181 4.01 -8.83 -0.34
C GLY B 181 4.80 -9.97 -0.96
N GLY B 182 6.13 -9.78 -1.02
CA GLY B 182 7.00 -10.69 -1.74
C GLY B 182 7.14 -12.06 -1.08
N ALA B 183 7.01 -12.11 0.24
CA ALA B 183 7.03 -13.40 0.93
C ALA B 183 5.99 -14.36 0.35
N LEU B 184 4.79 -13.86 0.03
CA LEU B 184 3.79 -14.74 -0.55
C LEU B 184 3.85 -14.78 -2.07
N SER B 185 4.08 -13.63 -2.72
CA SER B 185 3.87 -13.55 -4.16
C SER B 185 5.05 -14.10 -4.96
N ILE B 186 6.27 -13.81 -4.53
CA ILE B 186 7.42 -14.20 -5.34
C ILE B 186 7.54 -15.70 -5.44
N PRO B 187 7.46 -16.51 -4.37
CA PRO B 187 7.46 -17.97 -4.56
C PRO B 187 6.41 -18.42 -5.55
N LEU B 188 5.21 -17.85 -5.50
CA LEU B 188 4.12 -18.32 -6.34
C LEU B 188 4.44 -18.15 -7.81
N PHE B 189 5.14 -17.06 -8.17
CA PHE B 189 5.43 -16.79 -9.58
C PHE B 189 6.20 -17.94 -10.22
N GLU B 190 7.21 -18.49 -9.53
CA GLU B 190 7.97 -19.56 -10.19
C GLU B 190 7.54 -20.96 -9.75
N GLN B 191 6.99 -21.13 -8.55
CA GLN B 191 6.42 -22.43 -8.19
C GLN B 191 5.23 -22.76 -9.07
N GLU B 192 4.35 -21.80 -9.29
CA GLU B 192 3.11 -22.05 -10.02
C GLU B 192 3.15 -21.51 -11.44
N HIS B 193 4.32 -21.08 -11.91
CA HIS B 193 4.54 -20.71 -13.30
C HIS B 193 3.49 -19.72 -13.79
N LEU B 194 3.34 -18.63 -13.03
CA LEU B 194 2.30 -17.65 -13.27
C LEU B 194 2.75 -16.61 -14.27
N ASP B 195 1.81 -16.18 -15.13
CA ASP B 195 2.06 -15.04 -15.99
C ASP B 195 1.83 -13.73 -15.26
N ALA B 196 0.90 -13.74 -14.30
CA ALA B 196 0.61 -12.52 -13.57
C ALA B 196 0.00 -12.89 -12.23
N ILE B 197 -0.07 -11.89 -11.36
CA ILE B 197 -0.71 -12.00 -10.07
C ILE B 197 -1.63 -10.81 -9.93
N ILE B 198 -2.84 -11.05 -9.43
CA ILE B 198 -3.80 -10.01 -9.06
C ILE B 198 -3.80 -9.97 -7.54
N TYR B 199 -3.62 -8.77 -6.96
CA TYR B 199 -3.73 -8.71 -5.52
C TYR B 199 -4.32 -7.38 -5.04
N GLY B 200 -4.73 -7.37 -3.78
CA GLY B 200 -5.35 -6.17 -3.22
C GLY B 200 -4.33 -5.09 -2.87
N GLU B 201 -3.36 -5.42 -2.04
CA GLU B 201 -2.43 -4.40 -1.52
C GLU B 201 -1.17 -5.09 -1.03
N GLY B 202 -0.05 -4.39 -1.14
CA GLY B 202 1.21 -4.92 -0.70
C GLY B 202 2.30 -3.90 -0.84
N PRO B 203 3.42 -4.11 -0.16
CA PRO B 203 4.53 -3.14 -0.21
C PRO B 203 4.98 -2.87 -1.65
N GLU B 204 5.10 -1.58 -1.97
CA GLU B 204 5.47 -1.19 -3.33
C GLU B 204 6.89 -1.58 -3.67
N TRP B 205 7.72 -1.82 -2.65
CA TRP B 205 9.14 -2.13 -2.86
C TRP B 205 9.42 -3.62 -2.93
N GLU B 206 8.39 -4.48 -2.81
CA GLU B 206 8.63 -5.90 -2.79
C GLU B 206 8.19 -6.47 -4.17
N THR B 207 7.02 -7.06 -4.28
CA THR B 207 6.64 -7.75 -5.53
C THR B 207 6.65 -6.87 -6.77
N PRO B 208 6.23 -5.61 -6.74
CA PRO B 208 6.30 -4.81 -7.97
C PRO B 208 7.71 -4.64 -8.49
N GLU B 209 8.70 -4.56 -7.60
CA GLU B 209 10.07 -4.40 -8.07
C GLU B 209 10.63 -5.71 -8.61
N TYR B 210 10.22 -6.83 -8.01
CA TYR B 210 10.54 -8.15 -8.57
C TYR B 210 10.07 -8.25 -10.02
N ILE B 211 8.81 -7.84 -10.27
CA ILE B 211 8.27 -7.92 -11.62
C ILE B 211 8.92 -6.90 -12.52
N ARG B 212 9.24 -5.70 -12.01
CA ARG B 212 9.98 -4.75 -12.84
C ARG B 212 11.26 -5.37 -13.39
N ASP B 213 12.03 -6.00 -12.50
CA ASP B 213 13.28 -6.64 -12.90
C ASP B 213 13.04 -7.83 -13.81
N ALA B 214 12.02 -8.65 -13.51
CA ALA B 214 11.66 -9.75 -14.39
C ALA B 214 11.43 -9.26 -15.82
N VAL B 215 10.73 -8.14 -15.97
CA VAL B 215 10.40 -7.64 -17.30
C VAL B 215 11.64 -7.03 -17.95
N TYR B 216 12.45 -6.31 -17.17
CA TYR B 216 13.74 -5.86 -17.67
C TYR B 216 14.58 -7.02 -18.19
N GLN B 217 14.41 -8.23 -17.64
CA GLN B 217 15.20 -9.38 -18.06
C GLN B 217 14.59 -10.15 -19.21
N GLY B 218 13.51 -9.65 -19.81
CA GLY B 218 12.88 -10.31 -20.93
C GLY B 218 11.66 -11.13 -20.59
N ARG B 219 11.30 -11.25 -19.31
CA ARG B 219 10.14 -12.07 -18.97
C ARG B 219 8.86 -11.29 -19.27
N GLN B 220 7.85 -12.01 -19.75
CA GLN B 220 6.57 -11.37 -20.06
C GLN B 220 5.62 -11.67 -18.89
N LYS B 221 5.71 -10.80 -17.87
CA LYS B 221 4.95 -10.96 -16.64
C LYS B 221 4.40 -9.62 -16.20
N ALA B 222 3.35 -9.67 -15.38
CA ALA B 222 2.68 -8.45 -14.93
C ALA B 222 2.09 -8.64 -13.55
N LEU B 223 1.78 -7.51 -12.92
CA LEU B 223 1.16 -7.48 -11.62
C LEU B 223 -0.02 -6.50 -11.67
N ILE B 224 -1.19 -6.96 -11.21
CA ILE B 224 -2.39 -6.15 -11.23
C ILE B 224 -2.84 -5.92 -9.78
N VAL B 225 -2.89 -4.65 -9.39
CA VAL B 225 -3.09 -4.25 -8.01
C VAL B 225 -4.42 -3.51 -7.94
N LEU B 226 -5.37 -4.09 -7.20
CA LEU B 226 -6.76 -3.66 -7.23
C LEU B 226 -7.10 -2.63 -6.17
N GLY B 227 -6.39 -2.61 -5.07
CA GLY B 227 -6.85 -1.92 -3.88
C GLY B 227 -7.31 -2.91 -2.82
N HIS B 228 -7.08 -2.58 -1.55
CA HIS B 228 -7.44 -3.48 -0.46
C HIS B 228 -8.95 -3.72 -0.41
N ALA B 229 -9.75 -2.66 -0.24
CA ALA B 229 -11.20 -2.83 -0.23
C ALA B 229 -11.70 -3.47 -1.52
N GLU B 230 -11.11 -3.09 -2.65
CA GLU B 230 -11.58 -3.62 -3.91
C GLU B 230 -11.40 -5.14 -3.98
N SER B 231 -10.38 -5.67 -3.29
CA SER B 231 -10.15 -7.11 -3.38
C SER B 231 -10.99 -7.89 -2.39
N GLU B 232 -11.56 -7.23 -1.37
CA GLU B 232 -12.26 -7.98 -0.34
C GLU B 232 -13.75 -7.66 -0.22
N GLU B 233 -14.21 -6.54 -0.79
CA GLU B 233 -15.65 -6.28 -0.78
C GLU B 233 -16.48 -7.39 -1.41
N PRO B 234 -16.10 -8.01 -2.54
CA PRO B 234 -16.91 -9.12 -3.05
C PRO B 234 -17.11 -10.24 -2.03
N GLY B 235 -16.10 -10.47 -1.17
CA GLY B 235 -16.24 -11.48 -0.13
C GLY B 235 -17.28 -11.12 0.91
N MET B 236 -17.48 -9.82 1.14
CA MET B 236 -18.49 -9.43 2.12
C MET B 236 -19.87 -9.39 1.49
N LYS B 237 -19.93 -9.10 0.18
CA LYS B 237 -21.20 -9.24 -0.52
C LYS B 237 -21.66 -10.69 -0.50
N TYR B 238 -20.76 -11.62 -0.84
CA TYR B 238 -21.07 -13.04 -0.80
C TYR B 238 -21.46 -13.50 0.62
N LEU B 239 -20.82 -12.92 1.65
CA LEU B 239 -21.23 -13.24 3.02
C LEU B 239 -22.67 -12.82 3.28
N ALA B 240 -23.10 -11.69 2.73
CA ALA B 240 -24.49 -11.27 2.90
C ALA B 240 -25.45 -12.25 2.24
N GLU B 241 -25.14 -12.67 1.01
CA GLU B 241 -25.94 -13.69 0.33
C GLU B 241 -26.03 -14.98 1.14
N TRP B 242 -24.90 -15.46 1.68
CA TRP B 242 -24.89 -16.67 2.50
C TRP B 242 -25.73 -16.47 3.76
N LEU B 243 -25.54 -15.35 4.46
CA LEU B 243 -26.23 -15.14 5.73
C LEU B 243 -27.75 -15.09 5.54
N GLY B 244 -28.20 -14.50 4.43
CA GLY B 244 -29.62 -14.49 4.15
C GLY B 244 -30.19 -15.89 4.00
N GLU B 245 -29.42 -16.78 3.38
CA GLU B 245 -29.84 -18.17 3.33
C GLU B 245 -29.91 -18.77 4.72
N GLN B 246 -28.93 -18.46 5.57
CA GLN B 246 -28.87 -19.11 6.87
C GLN B 246 -29.93 -18.57 7.82
N PHE B 247 -30.43 -17.37 7.57
CA PHE B 247 -31.44 -16.73 8.42
C PHE B 247 -32.49 -16.14 7.51
N PRO B 248 -33.42 -16.98 7.02
CA PRO B 248 -34.32 -16.53 5.94
C PRO B 248 -35.36 -15.52 6.39
N ASP B 249 -35.65 -15.46 7.68
CA ASP B 249 -36.61 -14.48 8.18
C ASP B 249 -35.99 -13.12 8.42
N ILE B 250 -34.67 -13.01 8.34
CA ILE B 250 -33.94 -11.79 8.66
C ILE B 250 -33.52 -11.13 7.36
N PRO B 251 -33.83 -9.86 7.14
CA PRO B 251 -33.28 -9.14 5.98
C PRO B 251 -31.78 -8.99 6.13
N VAL B 252 -31.05 -9.30 5.07
CA VAL B 252 -29.60 -9.18 5.04
C VAL B 252 -29.20 -8.35 3.83
N HIS B 253 -28.38 -7.33 4.05
CA HIS B 253 -27.94 -6.45 2.98
C HIS B 253 -26.44 -6.18 3.10
N PHE B 254 -25.80 -6.15 1.93
CA PHE B 254 -24.41 -5.75 1.79
C PHE B 254 -24.36 -4.25 1.56
N LEU B 255 -23.51 -3.57 2.33
CA LEU B 255 -23.35 -2.12 2.27
C LEU B 255 -22.00 -1.82 1.65
N ARG B 256 -22.01 -1.44 0.38
CA ARG B 256 -20.80 -1.06 -0.35
C ARG B 256 -20.38 0.36 0.00
N GLU B 257 -19.07 0.60 -0.02
CA GLU B 257 -18.55 1.92 0.27
C GLU B 257 -17.95 2.51 -1.00
N ARG B 258 -17.65 3.81 -0.95
CA ARG B 258 -16.97 4.49 -2.04
C ARG B 258 -15.52 4.05 -2.11
N PRO B 259 -14.89 4.16 -3.28
CA PRO B 259 -13.43 3.99 -3.35
C PRO B 259 -12.75 4.96 -2.39
N ILE B 260 -11.71 4.48 -1.73
CA ILE B 260 -11.00 5.34 -0.80
C ILE B 260 -10.24 6.43 -1.55
N PHE B 261 -9.70 6.13 -2.74
CA PHE B 261 -8.91 7.10 -3.49
C PHE B 261 -9.61 7.49 -4.78
N GLN B 262 -9.37 8.74 -5.18
CA GLN B 262 -9.59 9.21 -6.53
C GLN B 262 -8.22 9.39 -7.19
N VAL B 263 -8.12 9.11 -8.49
CA VAL B 263 -6.85 9.31 -9.18
C VAL B 263 -6.87 10.67 -9.87
N ILE B 264 -5.77 11.42 -9.72
CA ILE B 264 -5.53 12.64 -10.46
C ILE B 264 -4.49 12.30 -11.51
N HIS B 265 -4.85 12.43 -12.79
CA HIS B 265 -3.90 12.13 -13.88
C HIS B 265 -3.85 13.22 -14.94
#